data_5GLD
#
_entry.id   5GLD
#
_cell.length_a   70.269
_cell.length_b   97.448
_cell.length_c   34.222
_cell.angle_alpha   90.00
_cell.angle_beta   90.00
_cell.angle_gamma   90.00
#
_symmetry.space_group_name_H-M   'P 21 21 2'
#
loop_
_entity.id
_entity.type
_entity.pdbx_description
1 polymer Beta-lactamase
2 non-polymer PINACOL[[2-AMINO-ALPHA-(1-CARBOXY-1-METHYLETHOXYIMINO)-4-THIAZOLEACETYL]AMINO]METHANEBORONATE
3 water water
#
_entity_poly.entity_id   1
_entity_poly.type   'polypeptide(L)'
_entity_poly.pdbx_seq_one_letter_code
;GSHMRNVAAEQQLRELESTFDGRLGFVALDTATGARIAHRADERFPFCSTFKTMLSAAVLARSAGDAALLQRRIPYAKRD
LVRYSPITEKHVGAGMTVAELCAATLQYSDNTAANLLIALLGGPQAVTAYARSIGDATFRLDRRETELNTAIPGDERDTT
TPAAMAASVRRLPGDERDTTTPAAMAASVRRLLVGDALGTAQRAQLNAWMLGNKTGDARIRAGVPAGWRVADKTGTGDYG
TGNDIGVAYPPDRAPIVFVVYTTMRSRNAQARDDVIASAARIAARAFV
;
_entity_poly.pdbx_strand_id   A
#
loop_
_chem_comp.id
_chem_comp.type
_chem_comp.name
_chem_comp.formula
CB4 non-polymer PINACOL[[2-AMINO-ALPHA-(1-CARBOXY-1-METHYLETHOXYIMINO)-4-THIAZOLEACETYL]AMINO]METHANEBORONATE 'C10 H15 B N4 O6 S'
#
# COMPACT_ATOMS: atom_id res chain seq x y z
N GLY A 1 -11.74 -7.35 -21.76
CA GLY A 1 -12.45 -7.88 -20.63
C GLY A 1 -13.95 -7.89 -20.86
N SER A 2 -14.69 -8.41 -19.89
CA SER A 2 -16.14 -8.42 -19.99
C SER A 2 -16.75 -8.56 -18.60
N HIS A 3 -18.01 -8.15 -18.45
CA HIS A 3 -18.66 -8.27 -17.15
C HIS A 3 -18.73 -9.73 -16.73
N MET A 4 -19.00 -10.61 -17.68
CA MET A 4 -19.11 -12.03 -17.34
C MET A 4 -17.79 -12.61 -16.83
N ARG A 5 -16.67 -12.17 -17.38
CA ARG A 5 -15.36 -12.63 -16.87
C ARG A 5 -15.13 -12.08 -15.47
N ASN A 6 -15.64 -10.89 -15.20
CA ASN A 6 -15.55 -10.31 -13.87
C ASN A 6 -16.44 -11.00 -12.84
N VAL A 7 -17.63 -11.41 -13.27
CA VAL A 7 -18.50 -12.21 -12.39
C VAL A 7 -17.82 -13.52 -12.03
N ALA A 8 -17.18 -14.15 -13.02
CA ALA A 8 -16.45 -15.38 -12.79
C ALA A 8 -15.30 -15.14 -11.82
N ALA A 9 -14.59 -14.03 -12.02
CA ALA A 9 -13.45 -13.70 -11.15
C ALA A 9 -13.89 -13.54 -9.71
N GLU A 10 -15.00 -12.84 -9.49
CA GLU A 10 -15.47 -12.60 -8.15
C GLU A 10 -15.84 -13.89 -7.41
N GLN A 11 -16.40 -14.85 -8.13
CA GLN A 11 -16.70 -16.13 -7.50
C GLN A 11 -15.40 -16.87 -7.16
N GLN A 12 -14.40 -16.72 -8.04
CA GLN A 12 -13.09 -17.31 -7.76
C GLN A 12 -12.46 -16.70 -6.51
N LEU A 13 -12.69 -15.41 -6.29
CA LEU A 13 -12.20 -14.77 -5.07
C LEU A 13 -12.90 -15.32 -3.82
N ARG A 14 -14.20 -15.58 -3.92
CA ARG A 14 -14.93 -16.16 -2.81
C ARG A 14 -14.38 -17.54 -2.50
N GLU A 15 -14.12 -18.31 -3.54
CA GLU A 15 -13.59 -19.67 -3.37
C GLU A 15 -12.19 -19.62 -2.77
N LEU A 16 -11.41 -18.63 -3.19
CA LEU A 16 -10.08 -18.43 -2.61
C LEU A 16 -10.16 -18.12 -1.12
N GLU A 17 -11.14 -17.31 -0.71
CA GLU A 17 -11.27 -16.94 0.68
C GLU A 17 -11.60 -18.17 1.54
N SER A 18 -12.29 -19.15 0.95
CA SER A 18 -12.65 -20.34 1.72
C SER A 18 -11.43 -21.17 2.12
N THR A 19 -10.27 -20.88 1.52
CA THR A 19 -9.06 -21.66 1.81
C THR A 19 -8.31 -21.21 3.06
N PHE A 20 -8.79 -20.15 3.70
CA PHE A 20 -8.21 -19.74 4.98
C PHE A 20 -9.28 -19.24 5.94
N ASP A 21 -8.99 -19.29 7.23
CA ASP A 21 -9.95 -18.90 8.24
C ASP A 21 -9.90 -17.38 8.47
N GLY A 22 -10.41 -16.63 7.51
CA GLY A 22 -10.37 -15.17 7.61
C GLY A 22 -11.16 -14.48 6.51
N ARG A 23 -10.87 -13.20 6.32
CA ARG A 23 -11.52 -12.37 5.31
C ARG A 23 -10.55 -11.92 4.23
N LEU A 24 -11.01 -11.95 2.99
CA LEU A 24 -10.26 -11.41 1.86
C LEU A 24 -10.92 -10.13 1.38
N GLY A 25 -10.17 -9.03 1.38
CA GLY A 25 -10.67 -7.77 0.84
C GLY A 25 -9.89 -7.48 -0.43
N PHE A 26 -10.61 -7.23 -1.52
CA PHE A 26 -9.94 -7.13 -2.81
C PHE A 26 -10.59 -6.12 -3.73
N VAL A 27 -9.77 -5.30 -4.38
CA VAL A 27 -10.20 -4.50 -5.53
C VAL A 27 -9.11 -4.53 -6.58
N ALA A 28 -9.50 -4.87 -7.80
CA ALA A 28 -8.64 -4.63 -8.95
C ALA A 28 -9.38 -3.77 -9.94
N LEU A 29 -8.80 -2.78 -10.44
CA LEU A 29 -9.35 -1.84 -11.37
C LEU A 29 -8.59 -1.83 -12.70
N ASP A 30 -9.21 -2.07 -13.83
CA ASP A 30 -8.61 -1.88 -15.13
C ASP A 30 -8.82 -0.42 -15.53
N THR A 31 -7.76 0.39 -15.50
CA THR A 31 -7.93 1.82 -15.75
C THR A 31 -8.31 2.16 -17.20
N ALA A 32 -8.21 1.18 -18.09
CA ALA A 32 -8.61 1.39 -19.49
C ALA A 32 -10.12 1.56 -19.61
N THR A 33 -10.86 0.88 -18.74
CA THR A 33 -12.31 0.74 -18.89
C THR A 33 -13.09 1.08 -17.63
N GLY A 34 -12.38 1.22 -16.52
CA GLY A 34 -13.04 1.37 -15.23
C GLY A 34 -13.66 0.08 -14.72
N ALA A 35 -13.39 -1.03 -15.40
CA ALA A 35 -13.86 -2.34 -14.95
C ALA A 35 -13.27 -2.66 -13.58
N ARG A 36 -14.11 -3.13 -12.67
CA ARG A 36 -13.71 -3.37 -11.29
C ARG A 36 -14.07 -4.78 -10.85
N ILE A 37 -13.08 -5.51 -10.34
CA ILE A 37 -13.30 -6.80 -9.69
C ILE A 37 -13.13 -6.58 -8.19
N ALA A 38 -14.12 -6.99 -7.40
CA ALA A 38 -14.13 -6.66 -5.98
C ALA A 38 -14.61 -7.79 -5.10
N HIS A 39 -14.10 -7.84 -3.87
CA HIS A 39 -14.58 -8.77 -2.88
C HIS A 39 -14.45 -8.09 -1.53
N ARG A 40 -15.55 -8.05 -0.77
CA ARG A 40 -15.61 -7.32 0.51
C ARG A 40 -15.04 -5.91 0.42
N ALA A 41 -15.31 -5.23 -0.70
CA ALA A 41 -14.63 -3.98 -1.01
C ALA A 41 -14.96 -2.86 -0.03
N ASP A 42 -16.12 -2.92 0.62
CA ASP A 42 -16.51 -1.86 1.53
C ASP A 42 -16.31 -2.18 3.01
N GLU A 43 -15.70 -3.33 3.30
CA GLU A 43 -15.40 -3.67 4.69
C GLU A 43 -14.08 -3.06 5.13
N ARG A 44 -13.99 -2.68 6.40
CA ARG A 44 -12.73 -2.23 6.96
C ARG A 44 -11.78 -3.38 7.28
N PHE A 45 -10.51 -3.15 6.97
CA PHE A 45 -9.42 -4.06 7.26
C PHE A 45 -8.29 -3.25 7.90
N PRO A 46 -7.51 -3.88 8.79
CA PRO A 46 -6.32 -3.18 9.31
C PRO A 46 -5.30 -3.01 8.20
N PHE A 47 -4.83 -1.79 8.00
CA PHE A 47 -4.00 -1.55 6.85
C PHE A 47 -2.53 -1.90 7.04
N CYS A 48 -2.14 -2.03 8.29
CA CYS A 48 -0.74 -2.26 8.65
C CYS A 48 0.17 -1.33 7.85
N SER A 49 1.32 -1.82 7.37
CA SER A 49 2.26 -0.92 6.72
C SER A 49 1.82 -0.33 5.38
N THR A 50 0.67 -0.73 4.85
CA THR A 50 0.27 -0.17 3.56
C THR A 50 -0.02 1.33 3.67
N PHE A 51 -0.24 1.83 4.89
CA PHE A 51 -0.44 3.27 5.08
C PHE A 51 0.78 4.08 4.67
N LYS A 52 1.93 3.43 4.62
CA LYS A 52 3.18 4.13 4.31
C LYS A 52 3.18 4.77 2.92
N THR A 53 2.34 4.25 2.02
CA THR A 53 2.11 4.88 0.72
C THR A 53 1.46 6.25 0.87
N MET A 54 0.40 6.31 1.69
CA MET A 54 -0.27 7.59 1.94
C MET A 54 0.66 8.58 2.67
N LEU A 55 1.44 8.11 3.65
CA LEU A 55 2.52 8.83 4.31
C LEU A 55 3.38 9.59 3.30
N SER A 56 3.95 8.70 2.48
CA SER A 56 4.99 9.17 1.57
C SER A 56 4.44 10.18 0.57
N ALA A 57 3.22 9.96 0.11
CA ALA A 57 2.56 10.94 -0.75
C ALA A 57 2.40 12.30 -0.03
N ALA A 58 1.99 12.25 1.23
CA ALA A 58 1.83 13.47 2.03
C ALA A 58 3.14 14.23 2.15
N VAL A 59 4.24 13.49 2.34
CA VAL A 59 5.57 14.11 2.37
C VAL A 59 5.91 14.73 1.02
N LEU A 60 5.67 13.99 -0.06
CA LEU A 60 5.92 14.52 -1.40
C LEU A 60 5.11 15.79 -1.66
N ALA A 61 3.87 15.84 -1.18
CA ALA A 61 3.08 17.06 -1.31
C ALA A 61 3.70 18.26 -0.59
N ARG A 62 4.30 18.05 0.58
CA ARG A 62 5.01 19.13 1.27
C ARG A 62 6.21 19.63 0.47
N SER A 63 6.76 18.76 -0.37
CA SER A 63 7.96 19.11 -1.14
C SER A 63 7.67 19.86 -2.44
N ALA A 64 6.40 20.02 -2.79
CA ALA A 64 6.05 20.77 -3.99
C ALA A 64 6.49 22.22 -3.83
N GLY A 65 7.32 22.70 -4.77
CA GLY A 65 7.85 24.04 -4.68
C GLY A 65 8.97 24.12 -3.66
N ASP A 66 9.40 22.97 -3.14
CA ASP A 66 10.48 22.90 -2.16
C ASP A 66 11.20 21.56 -2.31
N ALA A 67 11.76 21.32 -3.49
CA ALA A 67 12.40 20.04 -3.74
C ALA A 67 13.54 19.75 -2.75
N ALA A 68 14.16 20.81 -2.24
CA ALA A 68 15.24 20.67 -1.25
C ALA A 68 14.80 19.97 0.03
N LEU A 69 13.50 19.93 0.31
CA LEU A 69 13.04 19.22 1.50
C LEU A 69 13.53 17.77 1.45
N LEU A 70 13.56 17.19 0.25
CA LEU A 70 13.90 15.78 0.15
C LEU A 70 15.35 15.52 0.52
N GLN A 71 16.19 16.55 0.48
CA GLN A 71 17.59 16.41 0.85
C GLN A 71 17.90 16.84 2.28
N ARG A 72 16.89 17.25 3.03
CA ARG A 72 17.07 17.68 4.41
C ARG A 72 17.28 16.49 5.29
N ARG A 73 18.36 16.51 6.09
CA ARG A 73 18.68 15.36 6.93
C ARG A 73 18.02 15.51 8.30
N ILE A 74 17.37 14.44 8.76
CA ILE A 74 16.66 14.44 10.03
C ILE A 74 17.43 13.59 11.04
N PRO A 75 18.03 14.23 12.06
CA PRO A 75 18.74 13.49 13.12
C PRO A 75 17.78 12.70 14.01
N TYR A 76 18.27 11.60 14.56
CA TYR A 76 17.53 10.83 15.55
C TYR A 76 18.54 9.96 16.30
N ALA A 77 18.11 9.39 17.43
CA ALA A 77 19.03 8.65 18.28
C ALA A 77 18.55 7.22 18.48
N LYS A 78 19.31 6.42 19.22
CA LYS A 78 18.91 5.04 19.44
C LYS A 78 17.56 4.92 20.15
N ARG A 79 17.28 5.78 21.12
CA ARG A 79 16.01 5.71 21.83
C ARG A 79 14.84 6.11 20.98
N ASP A 80 15.12 6.59 19.80
CA ASP A 80 14.08 6.93 18.85
C ASP A 80 13.69 5.73 17.98
N LEU A 81 14.53 4.69 17.96
CA LEU A 81 14.25 3.52 17.14
C LEU A 81 13.10 2.71 17.72
N VAL A 82 12.21 2.23 16.86
CA VAL A 82 11.18 1.28 17.25
C VAL A 82 11.47 -0.04 16.56
N ARG A 83 10.68 -1.05 16.87
CA ARG A 83 10.90 -2.40 16.35
C ARG A 83 10.87 -2.45 14.83
N TYR A 84 11.76 -3.26 14.25
CA TYR A 84 11.92 -3.43 12.81
C TYR A 84 12.30 -2.12 12.09
N SER A 85 13.58 -1.79 12.20
CA SER A 85 14.13 -0.59 11.58
C SER A 85 15.46 -0.92 10.93
N PRO A 86 15.44 -1.78 9.89
CA PRO A 86 16.69 -2.32 9.34
C PRO A 86 17.55 -1.27 8.68
N ILE A 87 16.92 -0.21 8.19
CA ILE A 87 17.69 0.84 7.52
C ILE A 87 18.07 1.93 8.52
N THR A 88 17.09 2.44 9.26
CA THR A 88 17.35 3.56 10.16
C THR A 88 18.31 3.21 11.30
N GLU A 89 18.31 1.96 11.73
CA GLU A 89 19.22 1.56 12.83
C GLU A 89 20.69 1.77 12.46
N LYS A 90 21.00 1.83 11.17
CA LYS A 90 22.38 2.01 10.71
C LYS A 90 22.83 3.48 10.67
N HIS A 91 21.89 4.40 10.86
CA HIS A 91 22.18 5.81 10.64
C HIS A 91 21.84 6.67 11.86
N VAL A 92 21.76 6.04 13.02
CA VAL A 92 21.58 6.76 14.29
C VAL A 92 22.66 7.84 14.41
N GLY A 93 22.28 8.99 14.97
CA GLY A 93 23.19 10.11 15.08
C GLY A 93 22.78 11.20 14.11
N ALA A 94 23.53 11.33 13.03
CA ALA A 94 23.26 12.33 12.01
C ALA A 94 21.95 12.08 11.26
N GLY A 95 21.54 10.82 11.20
CA GLY A 95 20.25 10.51 10.61
C GLY A 95 20.26 10.40 9.10
N MET A 96 19.09 10.57 8.49
CA MET A 96 18.93 10.31 7.07
C MET A 96 18.12 11.44 6.45
N THR A 97 18.26 11.63 5.15
CA THR A 97 17.46 12.65 4.47
C THR A 97 16.00 12.23 4.37
N VAL A 98 15.13 13.20 4.10
CA VAL A 98 13.72 12.91 3.94
C VAL A 98 13.49 11.90 2.82
N ALA A 99 14.20 12.05 1.70
CA ALA A 99 14.09 11.11 0.59
C ALA A 99 14.52 9.71 1.01
N GLU A 100 15.63 9.64 1.75
CA GLU A 100 16.12 8.36 2.23
C GLU A 100 15.12 7.68 3.18
N LEU A 101 14.45 8.48 3.99
CA LEU A 101 13.45 7.95 4.92
C LEU A 101 12.24 7.42 4.15
N CYS A 102 11.81 8.16 3.13
CA CYS A 102 10.70 7.69 2.30
C CYS A 102 11.05 6.38 1.62
N ALA A 103 12.25 6.30 1.05
CA ALA A 103 12.68 5.07 0.39
C ALA A 103 12.73 3.91 1.38
N ALA A 104 13.28 4.15 2.57
CA ALA A 104 13.40 3.12 3.59
C ALA A 104 12.04 2.62 4.02
N THR A 105 11.09 3.54 4.15
CA THR A 105 9.85 3.02 4.69
C THR A 105 9.00 2.36 3.61
N LEU A 106 9.16 2.87 2.36
CA LEU A 106 8.44 2.21 1.27
C LEU A 106 9.04 0.89 0.84
N GLN A 107 10.37 0.83 0.76
CA GLN A 107 11.02 -0.33 0.15
C GLN A 107 11.41 -1.41 1.14
N TYR A 108 11.58 -1.07 2.42
CA TYR A 108 11.98 -2.05 3.46
C TYR A 108 11.03 -2.18 4.63
N SER A 109 10.03 -1.27 4.58
CA SER A 109 8.96 -1.08 5.57
C SER A 109 9.51 -0.64 6.93
N ASP A 110 10.57 0.13 6.86
CA ASP A 110 11.24 0.61 8.06
C ASP A 110 10.30 1.43 8.96
N ASN A 111 10.14 0.98 10.20
CA ASN A 111 9.17 1.62 11.10
C ASN A 111 9.61 2.94 11.70
N THR A 112 10.89 3.06 12.05
CA THR A 112 11.37 4.34 12.57
C THR A 112 11.28 5.40 11.49
N ALA A 113 11.61 5.02 10.26
CA ALA A 113 11.49 5.94 9.13
C ALA A 113 10.07 6.50 9.03
N ALA A 114 9.07 5.62 9.16
CA ALA A 114 7.69 6.07 9.12
C ALA A 114 7.37 7.05 10.27
N ASN A 115 7.81 6.73 11.48
CA ASN A 115 7.54 7.62 12.60
C ASN A 115 8.14 9.01 12.42
N LEU A 116 9.36 9.08 11.90
CA LEU A 116 10.02 10.37 11.66
C LEU A 116 9.27 11.19 10.62
N LEU A 117 8.76 10.51 9.59
CA LEU A 117 8.02 11.20 8.54
C LEU A 117 6.66 11.66 9.06
N ILE A 118 6.03 10.84 9.89
CA ILE A 118 4.77 11.21 10.52
C ILE A 118 5.00 12.48 11.36
N ALA A 119 6.10 12.49 12.10
CA ALA A 119 6.45 13.65 12.92
C ALA A 119 6.71 14.89 12.06
N LEU A 120 7.45 14.73 10.98
CA LEU A 120 7.73 15.85 10.09
C LEU A 120 6.42 16.53 9.64
N LEU A 121 5.41 15.72 9.32
CA LEU A 121 4.13 16.25 8.86
C LEU A 121 3.30 16.89 9.99
N GLY A 122 3.66 16.59 11.24
CA GLY A 122 2.94 17.15 12.38
C GLY A 122 2.12 16.15 13.18
N GLY A 123 2.25 14.87 12.85
CA GLY A 123 1.58 13.82 13.58
C GLY A 123 0.63 13.02 12.71
N PRO A 124 0.09 11.92 13.24
CA PRO A 124 -0.71 10.99 12.42
C PRO A 124 -1.97 11.65 11.87
N GLN A 125 -2.52 12.63 12.59
CA GLN A 125 -3.70 13.33 12.08
C GLN A 125 -3.41 14.08 10.78
N ALA A 126 -2.14 14.41 10.54
CA ALA A 126 -1.78 15.10 9.31
C ALA A 126 -1.80 14.14 8.13
N VAL A 127 -1.56 12.86 8.41
CA VAL A 127 -1.65 11.86 7.35
C VAL A 127 -3.12 11.65 6.97
N THR A 128 -3.97 11.55 7.99
CA THR A 128 -5.41 11.41 7.77
C THR A 128 -5.94 12.63 7.03
N ALA A 129 -5.49 13.82 7.44
CA ALA A 129 -5.89 15.05 6.76
C ALA A 129 -5.48 15.01 5.30
N TYR A 130 -4.28 14.50 5.03
CA TYR A 130 -3.83 14.40 3.65
C TYR A 130 -4.75 13.48 2.84
N ALA A 131 -5.09 12.33 3.41
CA ALA A 131 -6.01 11.41 2.74
C ALA A 131 -7.33 12.11 2.40
N ARG A 132 -7.86 12.90 3.34
CA ARG A 132 -9.13 13.59 3.08
C ARG A 132 -8.96 14.56 1.90
N SER A 133 -7.78 15.17 1.80
CA SER A 133 -7.52 16.15 0.76
C SER A 133 -7.50 15.52 -0.62
N ILE A 134 -7.27 14.21 -0.72
CA ILE A 134 -7.30 13.54 -2.01
C ILE A 134 -8.54 12.66 -2.17
N GLY A 135 -9.58 12.97 -1.41
CA GLY A 135 -10.88 12.33 -1.60
C GLY A 135 -11.13 11.02 -0.88
N ASP A 136 -10.26 10.69 0.07
CA ASP A 136 -10.39 9.47 0.84
C ASP A 136 -10.96 9.81 2.21
N ALA A 137 -12.26 9.56 2.40
CA ALA A 137 -12.94 9.84 3.67
C ALA A 137 -12.93 8.65 4.62
N THR A 138 -12.25 7.56 4.24
CA THR A 138 -12.34 6.28 4.94
C THR A 138 -11.07 5.96 5.73
N PHE A 139 -9.93 6.22 5.11
CA PHE A 139 -8.62 6.05 5.73
C PHE A 139 -8.54 6.74 7.09
N ARG A 140 -8.04 6.03 8.09
CA ARG A 140 -7.73 6.72 9.34
C ARG A 140 -6.47 6.19 9.98
N LEU A 141 -5.52 7.09 10.21
CA LEU A 141 -4.30 6.75 10.92
C LEU A 141 -4.42 7.30 12.32
N ASP A 142 -4.47 6.41 13.29
CA ASP A 142 -4.70 6.82 14.66
C ASP A 142 -3.42 6.74 15.46
N ARG A 143 -2.58 5.81 15.10
CA ARG A 143 -1.33 5.60 15.76
C ARG A 143 -0.23 5.20 14.74
N ARG A 144 0.84 6.00 14.66
CA ARG A 144 2.05 5.66 13.90
C ARG A 144 2.08 4.31 13.23
N LEU A 172 -7.20 -5.32 18.20
CA LEU A 172 -8.33 -6.22 18.22
C LEU A 172 -9.19 -6.16 16.98
N PRO A 173 -9.49 -7.30 16.43
CA PRO A 173 -10.39 -7.39 15.27
C PRO A 173 -11.70 -6.63 15.51
N GLY A 174 -12.12 -5.83 14.54
CA GLY A 174 -13.35 -5.05 14.68
C GLY A 174 -13.10 -3.62 15.12
N ASP A 175 -11.89 -3.34 15.57
CA ASP A 175 -11.52 -1.97 15.94
C ASP A 175 -11.38 -1.20 14.63
N GLU A 176 -11.93 0.00 14.58
CA GLU A 176 -11.83 0.79 13.35
C GLU A 176 -10.54 1.59 13.26
N ARG A 177 -9.79 1.66 14.33
CA ARG A 177 -8.53 2.40 14.30
C ARG A 177 -7.50 1.78 13.34
N ASP A 178 -6.78 2.61 12.65
CA ASP A 178 -5.76 2.15 11.70
C ASP A 178 -6.33 1.20 10.66
N THR A 179 -7.48 1.56 10.10
CA THR A 179 -8.12 0.77 9.05
C THR A 179 -8.48 1.61 7.84
N THR A 180 -8.75 0.92 6.72
CA THR A 180 -9.40 1.54 5.58
C THR A 180 -10.20 0.43 4.90
N THR A 181 -10.86 0.73 3.78
CA THR A 181 -11.55 -0.31 3.01
C THR A 181 -10.76 -0.55 1.74
N PRO A 182 -10.92 -1.73 1.12
CA PRO A 182 -10.22 -1.95 -0.14
C PRO A 182 -10.66 -0.96 -1.21
N ALA A 183 -11.94 -0.63 -1.24
CA ALA A 183 -12.45 0.35 -2.20
C ALA A 183 -11.79 1.71 -2.02
N ALA A 184 -11.71 2.19 -0.79
CA ALA A 184 -11.13 3.51 -0.54
C ALA A 184 -9.65 3.52 -0.88
N MET A 185 -8.94 2.46 -0.51
CA MET A 185 -7.51 2.42 -0.79
C MET A 185 -7.24 2.28 -2.28
N ALA A 186 -8.09 1.55 -2.99
CA ALA A 186 -7.89 1.41 -4.44
C ALA A 186 -8.02 2.75 -5.12
N ALA A 187 -9.02 3.53 -4.71
CA ALA A 187 -9.20 4.85 -5.29
C ALA A 187 -8.01 5.75 -4.98
N SER A 188 -7.48 5.63 -3.77
CA SER A 188 -6.34 6.49 -3.39
C SER A 188 -5.09 6.07 -4.13
N VAL A 189 -4.86 4.76 -4.23
CA VAL A 189 -3.73 4.24 -5.00
C VAL A 189 -3.82 4.69 -6.46
N ARG A 190 -5.02 4.60 -7.02
CA ARG A 190 -5.23 5.03 -8.39
C ARG A 190 -4.91 6.52 -8.56
N ARG A 191 -5.48 7.36 -7.69
CA ARG A 191 -5.29 8.79 -7.81
C ARG A 191 -3.85 9.20 -7.60
N LEU A 192 -3.15 8.50 -6.70
CA LEU A 192 -1.74 8.82 -6.41
C LEU A 192 -0.76 8.33 -7.45
N LEU A 193 -0.90 7.11 -7.92
CA LEU A 193 0.14 6.53 -8.78
C LEU A 193 -0.16 6.67 -10.26
N VAL A 194 -1.43 6.79 -10.61
CA VAL A 194 -1.86 6.88 -12.01
C VAL A 194 -2.46 8.23 -12.33
N GLY A 195 -3.30 8.74 -11.42
CA GLY A 195 -4.00 9.99 -11.62
C GLY A 195 -3.26 11.23 -11.17
N ASP A 196 -4.00 12.29 -10.85
CA ASP A 196 -3.36 13.58 -10.58
C ASP A 196 -3.56 14.09 -9.15
N ALA A 197 -3.58 13.19 -8.18
CA ALA A 197 -3.60 13.62 -6.78
C ALA A 197 -2.32 14.39 -6.46
N LEU A 198 -1.20 13.91 -6.99
CA LEU A 198 0.08 14.60 -6.87
C LEU A 198 0.42 15.27 -8.19
N GLY A 199 1.33 16.24 -8.13
CA GLY A 199 1.89 16.80 -9.34
C GLY A 199 2.68 15.72 -10.06
N THR A 200 2.87 15.91 -11.35
CA THR A 200 3.52 14.94 -12.21
C THR A 200 4.88 14.45 -11.68
N ALA A 201 5.72 15.36 -11.19
CA ALA A 201 7.04 15.00 -10.71
C ALA A 201 6.98 14.15 -9.44
N GLN A 202 6.04 14.49 -8.58
CA GLN A 202 5.89 13.78 -7.31
C GLN A 202 5.29 12.40 -7.55
N ARG A 203 4.36 12.30 -8.49
CA ARG A 203 3.83 11.00 -8.91
C ARG A 203 4.96 10.10 -9.42
N ALA A 204 5.84 10.66 -10.25
CA ALA A 204 6.97 9.91 -10.78
C ALA A 204 7.86 9.39 -9.65
N GLN A 205 8.10 10.24 -8.66
CA GLN A 205 8.95 9.82 -7.53
C GLN A 205 8.29 8.75 -6.67
N LEU A 206 6.99 8.88 -6.42
CA LEU A 206 6.30 7.85 -5.64
C LEU A 206 6.35 6.50 -6.37
N ASN A 207 6.13 6.53 -7.68
CA ASN A 207 6.26 5.32 -8.47
C ASN A 207 7.66 4.73 -8.43
N ALA A 208 8.67 5.57 -8.59
CA ALA A 208 10.06 5.11 -8.55
C ALA A 208 10.37 4.36 -7.26
N TRP A 209 9.95 4.93 -6.13
CA TRP A 209 10.15 4.27 -4.84
C TRP A 209 9.41 2.93 -4.78
N MET A 210 8.13 2.92 -5.15
CA MET A 210 7.36 1.69 -5.02
C MET A 210 7.75 0.60 -6.01
N LEU A 211 8.23 1.01 -7.19
CA LEU A 211 8.75 0.05 -8.17
C LEU A 211 9.94 -0.71 -7.59
N GLY A 212 10.68 -0.04 -6.70
CA GLY A 212 11.86 -0.62 -6.09
C GLY A 212 11.61 -1.30 -4.75
N ASN A 213 10.36 -1.59 -4.44
CA ASN A 213 10.03 -2.31 -3.22
C ASN A 213 10.76 -3.66 -3.12
N LYS A 214 11.23 -3.97 -1.91
CA LYS A 214 11.96 -5.22 -1.65
C LYS A 214 11.13 -6.27 -0.91
N THR A 215 9.97 -5.90 -0.41
CA THR A 215 9.24 -6.77 0.50
C THR A 215 8.08 -7.52 -0.14
N GLY A 216 7.86 -7.31 -1.43
CA GLY A 216 6.64 -7.86 -2.04
C GLY A 216 6.80 -8.95 -3.10
N ASP A 217 7.93 -9.64 -3.10
CA ASP A 217 8.21 -10.58 -4.19
C ASP A 217 7.25 -11.77 -4.26
N ALA A 218 6.66 -12.11 -3.11
CA ALA A 218 5.80 -13.28 -3.02
C ALA A 218 4.32 -12.91 -3.04
N ARG A 219 4.02 -11.64 -3.25
CA ARG A 219 2.63 -11.17 -3.19
C ARG A 219 2.06 -10.81 -4.57
N ILE A 220 1.64 -9.56 -4.80
CA ILE A 220 1.11 -9.20 -6.12
C ILE A 220 2.10 -9.57 -7.24
N ARG A 221 3.39 -9.32 -7.00
CA ARG A 221 4.41 -9.58 -8.02
C ARG A 221 4.42 -11.06 -8.45
N ALA A 222 4.10 -11.94 -7.51
CA ALA A 222 4.08 -13.38 -7.78
C ALA A 222 2.83 -13.83 -8.55
N GLY A 223 1.77 -13.03 -8.50
CA GLY A 223 0.53 -13.40 -9.16
C GLY A 223 0.30 -12.83 -10.56
N VAL A 224 0.98 -11.73 -10.89
CA VAL A 224 0.80 -11.10 -12.20
C VAL A 224 1.90 -11.58 -13.17
N PRO A 225 1.67 -11.41 -14.48
CA PRO A 225 2.69 -11.83 -15.46
C PRO A 225 4.06 -11.21 -15.20
N ALA A 226 5.11 -11.97 -15.46
CA ALA A 226 6.47 -11.52 -15.19
C ALA A 226 6.84 -10.29 -16.00
N GLY A 227 6.13 -10.08 -17.11
CA GLY A 227 6.41 -8.96 -17.99
C GLY A 227 5.82 -7.64 -17.54
N TRP A 228 5.01 -7.66 -16.48
CA TRP A 228 4.39 -6.44 -16.00
C TRP A 228 5.27 -5.81 -14.93
N ARG A 229 5.43 -4.50 -14.98
CA ARG A 229 6.13 -3.80 -13.92
C ARG A 229 5.17 -3.51 -12.78
N VAL A 230 5.62 -3.73 -11.54
CA VAL A 230 4.76 -3.59 -10.38
C VAL A 230 5.32 -2.60 -9.36
N ALA A 231 4.50 -1.59 -9.01
CA ALA A 231 4.85 -0.67 -7.93
C ALA A 231 3.93 -1.06 -6.79
N ASP A 232 4.48 -1.51 -5.66
CA ASP A 232 3.61 -2.01 -4.58
C ASP A 232 4.15 -1.67 -3.21
N LYS A 233 3.26 -1.72 -2.23
CA LYS A 233 3.63 -1.64 -0.83
C LYS A 233 2.91 -2.71 -0.03
N THR A 234 3.66 -3.50 0.75
CA THR A 234 3.08 -4.55 1.57
C THR A 234 2.67 -4.09 2.97
N GLY A 235 1.88 -4.93 3.64
CA GLY A 235 1.56 -4.74 5.05
C GLY A 235 1.47 -6.12 5.68
N THR A 236 2.08 -6.28 6.85
CA THR A 236 2.00 -7.54 7.58
C THR A 236 1.78 -7.26 9.06
N GLY A 237 0.89 -8.04 9.69
CA GLY A 237 0.67 -7.90 11.12
C GLY A 237 0.20 -9.20 11.74
N ASP A 238 -0.13 -9.15 13.03
CA ASP A 238 -0.66 -10.36 13.67
C ASP A 238 -2.06 -10.63 13.15
N TYR A 239 -2.70 -11.67 13.65
CA TYR A 239 -3.95 -12.16 13.08
C TYR A 239 -3.83 -12.46 11.59
N GLY A 240 -2.66 -12.97 11.19
CA GLY A 240 -2.43 -13.38 9.81
C GLY A 240 -2.77 -12.28 8.82
N THR A 241 -2.48 -11.04 9.20
CA THR A 241 -2.79 -9.91 8.35
C THR A 241 -1.73 -9.79 7.26
N GLY A 242 -2.17 -9.94 6.01
CA GLY A 242 -1.27 -9.92 4.87
C GLY A 242 -1.87 -9.04 3.79
N ASN A 243 -1.20 -7.92 3.51
CA ASN A 243 -1.73 -6.92 2.61
C ASN A 243 -0.73 -6.58 1.51
N ASP A 244 -1.23 -6.11 0.37
CA ASP A 244 -0.36 -5.59 -0.69
C ASP A 244 -1.21 -4.66 -1.55
N ILE A 245 -0.73 -3.45 -1.79
CA ILE A 245 -1.45 -2.49 -2.63
C ILE A 245 -0.50 -1.93 -3.66
N GLY A 246 -1.04 -1.56 -4.82
CA GLY A 246 -0.15 -1.01 -5.83
C GLY A 246 -0.74 -0.99 -7.21
N VAL A 247 0.13 -0.79 -8.20
CA VAL A 247 -0.30 -0.70 -9.60
C VAL A 247 0.62 -1.58 -10.44
N ALA A 248 0.03 -2.33 -11.37
CA ALA A 248 0.82 -3.08 -12.34
C ALA A 248 0.78 -2.36 -13.68
N TYR A 249 1.93 -2.28 -14.33
CA TYR A 249 2.05 -1.61 -15.61
C TYR A 249 2.40 -2.62 -16.69
N PRO A 250 1.39 -3.11 -17.42
CA PRO A 250 1.65 -4.04 -18.53
C PRO A 250 2.32 -3.27 -19.66
N PRO A 251 3.08 -3.96 -20.51
CA PRO A 251 3.90 -3.21 -21.48
C PRO A 251 3.13 -2.50 -22.59
N ASP A 252 1.95 -2.98 -22.98
CA ASP A 252 1.23 -2.34 -24.08
C ASP A 252 -0.23 -2.09 -23.77
N ARG A 253 -0.55 -1.88 -22.49
CA ARG A 253 -1.88 -1.46 -22.13
C ARG A 253 -1.94 -0.66 -20.85
N ALA A 254 -3.15 -0.29 -20.48
CA ALA A 254 -3.32 0.65 -19.37
C ALA A 254 -3.02 0.00 -18.03
N PRO A 255 -2.56 0.79 -17.06
CA PRO A 255 -2.27 0.28 -15.71
C PRO A 255 -3.46 -0.41 -15.08
N ILE A 256 -3.20 -1.39 -14.22
CA ILE A 256 -4.23 -2.06 -13.45
C ILE A 256 -3.90 -1.84 -11.97
N VAL A 257 -4.87 -1.33 -11.22
CA VAL A 257 -4.72 -1.10 -9.78
C VAL A 257 -5.07 -2.39 -9.05
N PHE A 258 -4.22 -2.79 -8.09
CA PHE A 258 -4.47 -3.96 -7.24
C PHE A 258 -4.44 -3.56 -5.76
N VAL A 259 -5.47 -3.92 -5.02
CA VAL A 259 -5.48 -3.77 -3.57
C VAL A 259 -5.93 -5.08 -2.96
N VAL A 260 -5.08 -5.66 -2.12
CA VAL A 260 -5.41 -6.91 -1.44
C VAL A 260 -5.21 -6.75 0.06
N TYR A 261 -6.25 -6.99 0.83
CA TYR A 261 -6.18 -7.03 2.28
C TYR A 261 -6.65 -8.40 2.76
N THR A 262 -5.90 -9.04 3.64
CA THR A 262 -6.37 -10.27 4.26
C THR A 262 -6.12 -10.19 5.75
N THR A 263 -7.05 -10.74 6.52
CA THR A 263 -6.86 -10.83 7.96
C THR A 263 -7.64 -12.02 8.49
N MET A 264 -7.20 -12.56 9.62
CA MET A 264 -7.72 -13.84 10.09
C MET A 264 -8.19 -13.80 11.53
N ARG A 265 -8.85 -14.88 11.93
CA ARG A 265 -9.46 -14.94 13.26
C ARG A 265 -8.45 -15.35 14.33
N SER A 266 -7.42 -16.09 13.92
CA SER A 266 -6.41 -16.57 14.87
C SER A 266 -5.22 -15.62 14.95
N ARG A 267 -4.87 -15.17 16.15
CA ARG A 267 -3.80 -14.18 16.31
C ARG A 267 -2.44 -14.72 15.83
N ASN A 268 -2.22 -16.01 16.04
CA ASN A 268 -0.94 -16.65 15.70
C ASN A 268 -0.73 -16.95 14.23
N ALA A 269 -1.79 -16.90 13.43
CA ALA A 269 -1.73 -17.36 12.04
C ALA A 269 -0.74 -16.55 11.20
N GLN A 270 0.01 -17.23 10.33
CA GLN A 270 0.88 -16.49 9.43
C GLN A 270 0.06 -15.84 8.32
N ALA A 271 0.54 -14.71 7.82
CA ALA A 271 -0.03 -14.10 6.62
C ALA A 271 0.16 -15.07 5.46
N ARG A 272 -0.75 -15.07 4.50
CA ARG A 272 -0.63 -16.00 3.38
C ARG A 272 -0.24 -15.28 2.10
N ASP A 273 1.07 -15.25 1.82
CA ASP A 273 1.59 -14.68 0.59
C ASP A 273 0.93 -15.33 -0.62
N ASP A 274 0.73 -16.64 -0.57
CA ASP A 274 0.19 -17.38 -1.71
C ASP A 274 -1.24 -16.95 -2.04
N VAL A 275 -2.02 -16.62 -1.01
CA VAL A 275 -3.39 -16.18 -1.20
C VAL A 275 -3.41 -14.81 -1.86
N ILE A 276 -2.51 -13.94 -1.41
CA ILE A 276 -2.41 -12.62 -2.02
C ILE A 276 -2.03 -12.72 -3.49
N ALA A 277 -1.03 -13.55 -3.80
CA ALA A 277 -0.62 -13.78 -5.17
C ALA A 277 -1.75 -14.35 -6.01
N SER A 278 -2.48 -15.30 -5.45
CA SER A 278 -3.59 -15.95 -6.14
C SER A 278 -4.71 -14.97 -6.45
N ALA A 279 -4.99 -14.06 -5.52
CA ALA A 279 -6.04 -13.07 -5.74
C ALA A 279 -5.67 -12.15 -6.91
N ALA A 280 -4.42 -11.69 -6.92
CA ALA A 280 -3.94 -10.87 -8.02
C ALA A 280 -4.03 -11.63 -9.35
N ARG A 281 -3.66 -12.91 -9.32
CA ARG A 281 -3.66 -13.74 -10.52
C ARG A 281 -5.08 -13.90 -11.08
N ILE A 282 -6.07 -14.04 -10.18
CA ILE A 282 -7.46 -14.16 -10.62
C ILE A 282 -7.89 -12.93 -11.42
N ALA A 283 -7.56 -11.75 -10.91
CA ALA A 283 -7.93 -10.52 -11.60
C ALA A 283 -7.13 -10.32 -12.89
N ALA A 284 -5.84 -10.68 -12.86
CA ALA A 284 -4.99 -10.57 -14.05
C ALA A 284 -5.56 -11.41 -15.19
N ARG A 285 -5.96 -12.62 -14.91
CA ARG A 285 -6.54 -13.48 -15.91
C ARG A 285 -7.84 -12.92 -16.46
N ALA A 286 -8.62 -12.29 -15.61
CA ALA A 286 -9.90 -11.75 -16.03
C ALA A 286 -9.75 -10.51 -16.92
N PHE A 287 -8.71 -9.72 -16.67
CA PHE A 287 -8.51 -8.45 -17.38
C PHE A 287 -7.71 -8.61 -18.68
N VAL A 288 -7.02 -9.73 -18.85
CA VAL A 288 -6.25 -9.95 -20.07
C VAL A 288 -7.14 -10.38 -21.24
B CB4 B . 4.56 -3.68 8.28
OB1 CB4 B . 3.17 -4.06 8.18
OB2 CB4 B . 5.43 -3.96 7.17
C7 CB4 B . 5.23 -3.54 9.79
N10 CB4 B . 4.37 -3.01 10.80
C11 CB4 B . 4.71 -3.26 12.16
O12 CB4 B . 5.68 -3.95 12.42
C13 CB4 B . 3.80 -2.73 13.23
N16 CB4 B . 4.29 -2.26 14.35
O17 CB4 B . 5.44 -1.67 14.41
C18 CB4 B . 5.98 -1.30 15.64
C14 CB4 B . 2.39 -3.21 13.16
C15 CB4 B . 1.34 -2.40 12.69
S16 CB4 B . -0.04 -3.39 12.79
C17 CB4 B . 0.72 -4.78 13.40
N18 CB4 B . 0.11 -6.01 13.72
N19 CB4 B . 2.04 -4.49 13.53
C19 CB4 B . 5.85 -2.44 16.60
C20 CB4 B . 7.42 -0.97 15.45
C21 CB4 B . 5.31 -0.09 16.20
O2A CB4 B . 5.75 0.42 17.28
O2B CB4 B . 4.32 0.42 15.62
#